data_2H34
#
_entry.id   2H34
#
_cell.length_a   77.078
_cell.length_b   77.078
_cell.length_c   221.024
_cell.angle_alpha   90.000
_cell.angle_beta   90.000
_cell.angle_gamma   120.000
#
_symmetry.space_group_name_H-M   'P 65'
#
loop_
_entity.id
_entity.type
_entity.pdbx_description
1 polymer 'Serine/threonine-protein kinase pknE'
2 non-polymer 'BROMIDE ION'
3 non-polymer 'SODIUM ION'
#
_entity_poly.entity_id   1
_entity_poly.type   'polypeptide(L)'
_entity_poly.pdbx_seq_one_letter_code
;MGSSHHHHHHSSGLVPRGSHMDGTAESREGTQFGPYRLRRLVGRGG(MSE)GDVYEAEDTVRERIVALKL(MSE)SETLS
SDPVFRTR(MSE)QREARTAGRLQEPHVVPIHDFGEIDGQLYVD(MSE)RLINGVDLAA(MSE)LRRQGPLAPPRAVAIV
RQIGSALDAAHAAGATHRDVKPENILVSADDFAYLVDFGIASATTDEKLTQLGNTVGTLYY(MSE)APERFSESHATYRA
DIYALTCVLYECLTGSPPYQGDQLSV(MSE)GAHINQAIPRPSTVRPGIPVAFDAVIARG(MSE)AKNPEDRYVTCGDLS
AAAHAALATADQDRATDILRR
;
_entity_poly.pdbx_strand_id   A,B
#
loop_
_chem_comp.id
_chem_comp.type
_chem_comp.name
_chem_comp.formula
BR non-polymer 'BROMIDE ION' 'Br -1'
NA non-polymer 'SODIUM ION' 'Na 1'
#
# COMPACT_ATOMS: atom_id res chain seq x y z
N GLY A 34 0.33 -26.49 -9.53
CA GLY A 34 1.39 -26.63 -10.57
C GLY A 34 2.78 -26.37 -10.02
N PRO A 35 3.39 -25.23 -10.41
CA PRO A 35 4.62 -24.72 -9.78
C PRO A 35 4.41 -24.47 -8.29
N TYR A 36 3.15 -24.55 -7.87
CA TYR A 36 2.75 -24.31 -6.51
C TYR A 36 2.49 -25.59 -5.73
N ARG A 37 2.50 -25.47 -4.41
CA ARG A 37 2.13 -26.57 -3.54
C ARG A 37 1.18 -26.02 -2.48
N LEU A 38 -0.07 -26.50 -2.51
CA LEU A 38 -1.16 -26.03 -1.64
C LEU A 38 -0.82 -26.07 -0.15
N ARG A 39 -1.45 -25.19 0.63
CA ARG A 39 -1.32 -25.19 2.08
C ARG A 39 -2.66 -24.90 2.79
N ARG A 40 -2.63 -24.19 3.94
CA ARG A 40 -3.85 -23.95 4.72
C ARG A 40 -4.99 -23.23 3.99
N LEU A 41 -6.13 -23.94 3.92
CA LEU A 41 -7.38 -23.39 3.38
C LEU A 41 -7.84 -22.17 4.20
N VAL A 42 -7.63 -20.99 3.62
CA VAL A 42 -8.11 -19.75 4.22
C VAL A 42 -8.56 -18.84 3.10
N GLY A 43 -9.75 -18.26 3.26
CA GLY A 43 -10.38 -17.49 2.19
C GLY A 43 -11.40 -18.34 1.43
N ARG A 44 -12.56 -17.75 1.15
CA ARG A 44 -13.64 -18.44 0.46
C ARG A 44 -14.33 -17.48 -0.51
N GLY A 45 -13.75 -17.35 -1.70
CA GLY A 45 -14.20 -16.37 -2.69
C GLY A 45 -15.52 -16.71 -3.33
N GLY A 46 -15.96 -15.84 -4.23
CA GLY A 46 -17.24 -16.00 -4.91
C GLY A 46 -17.32 -17.28 -5.73
N MSE A 47 -16.43 -17.40 -6.71
CA MSE A 47 -16.42 -18.53 -7.65
C MSE A 47 -15.33 -19.57 -7.31
O MSE A 47 -15.42 -20.74 -7.70
CB MSE A 47 -16.22 -18.02 -9.09
CG MSE A 47 -17.44 -17.26 -9.64
SE MSE A 47 -16.95 -15.73 -10.82
CE MSE A 47 -18.75 -15.42 -11.64
N GLY A 48 -14.30 -19.11 -6.58
CA GLY A 48 -13.19 -19.98 -6.21
C GLY A 48 -12.88 -20.03 -4.73
N ASP A 49 -12.02 -20.95 -4.34
CA ASP A 49 -11.61 -21.10 -2.96
C ASP A 49 -10.11 -20.83 -2.87
N VAL A 50 -9.74 -19.93 -1.97
CA VAL A 50 -8.33 -19.52 -1.83
C VAL A 50 -7.56 -20.46 -0.90
N TYR A 51 -6.36 -20.82 -1.31
CA TYR A 51 -5.40 -21.47 -0.45
C TYR A 51 -4.17 -20.58 -0.35
N GLU A 52 -3.46 -20.67 0.78
CA GLU A 52 -2.07 -20.19 0.83
C GLU A 52 -1.23 -21.20 0.07
N ALA A 53 -0.19 -20.73 -0.60
CA ALA A 53 0.58 -21.60 -1.50
C ALA A 53 2.02 -21.15 -1.69
N GLU A 54 2.95 -22.10 -1.75
CA GLU A 54 4.35 -21.77 -2.02
C GLU A 54 4.69 -21.84 -3.49
N ASP A 55 4.99 -20.68 -4.08
CA ASP A 55 5.51 -20.63 -5.43
C ASP A 55 6.95 -21.09 -5.40
N THR A 56 7.19 -22.28 -5.96
CA THR A 56 8.50 -22.93 -5.86
C THR A 56 9.52 -22.42 -6.87
N VAL A 57 9.04 -21.88 -7.99
CA VAL A 57 9.88 -21.18 -8.95
C VAL A 57 10.28 -19.82 -8.35
N ARG A 58 9.26 -19.02 -8.06
CA ARG A 58 9.44 -17.65 -7.60
C ARG A 58 9.90 -17.55 -6.13
N GLU A 59 9.91 -18.69 -5.44
CA GLU A 59 10.51 -18.82 -4.10
C GLU A 59 9.90 -17.90 -3.03
N ARG A 60 8.57 -17.83 -3.02
CA ARG A 60 7.83 -16.99 -2.07
C ARG A 60 6.48 -17.59 -1.76
N ILE A 61 5.86 -17.15 -0.67
CA ILE A 61 4.54 -17.65 -0.30
C ILE A 61 3.48 -16.69 -0.77
N VAL A 62 2.54 -17.21 -1.55
CA VAL A 62 1.51 -16.38 -2.16
C VAL A 62 0.11 -16.89 -1.83
N ALA A 63 -0.89 -16.04 -2.04
CA ALA A 63 -2.28 -16.47 -1.95
C ALA A 63 -2.72 -16.91 -3.33
N LEU A 64 -3.36 -18.07 -3.40
CA LEU A 64 -3.79 -18.60 -4.69
C LEU A 64 -5.25 -19.00 -4.67
N LYS A 65 -6.02 -18.36 -5.55
CA LYS A 65 -7.43 -18.68 -5.70
C LYS A 65 -7.60 -19.70 -6.80
N LEU A 66 -8.31 -20.79 -6.49
CA LEU A 66 -8.62 -21.85 -7.47
C LEU A 66 -10.11 -21.96 -7.66
N MSE A 67 -10.56 -21.73 -8.90
CA MSE A 67 -11.98 -21.78 -9.22
C MSE A 67 -12.44 -23.26 -9.22
O MSE A 67 -12.01 -24.00 -10.18
CB MSE A 67 -12.26 -21.13 -10.58
CG MSE A 67 -11.27 -20.03 -10.98
SE MSE A 67 -11.32 -18.36 -9.94
CE MSE A 67 -10.56 -17.11 -11.28
N SER A 68 -12.34 -23.84 -8.09
CA SER A 68 -12.37 -25.31 -7.84
C SER A 68 -13.36 -26.15 -8.67
N GLU A 69 -13.09 -27.16 -8.72
CA GLU A 69 -13.85 -28.32 -9.27
C GLU A 69 -14.24 -28.13 -10.75
N THR A 70 -13.55 -27.19 -11.41
CA THR A 70 -13.76 -26.92 -12.84
C THR A 70 -15.25 -26.69 -13.14
N LEU A 71 -15.81 -25.67 -12.49
CA LEU A 71 -17.19 -25.26 -12.72
C LEU A 71 -17.30 -24.50 -14.04
N SER A 72 -16.22 -23.80 -14.39
CA SER A 72 -16.15 -23.05 -15.64
C SER A 72 -15.61 -23.87 -16.80
N SER A 73 -16.09 -25.10 -16.93
CA SER A 73 -15.97 -25.81 -18.19
C SER A 73 -16.86 -25.03 -19.16
N ASP A 74 -17.88 -24.40 -18.58
CA ASP A 74 -18.76 -23.46 -19.26
C ASP A 74 -18.01 -22.18 -19.62
N PRO A 75 -18.11 -21.72 -20.88
CA PRO A 75 -17.39 -20.53 -21.34
C PRO A 75 -17.89 -19.23 -20.71
N VAL A 76 -19.12 -19.24 -20.17
CA VAL A 76 -19.73 -18.04 -19.56
C VAL A 76 -19.07 -17.69 -18.23
N PHE A 77 -18.74 -18.71 -17.45
CA PHE A 77 -17.90 -18.53 -16.26
C PHE A 77 -16.45 -18.26 -16.67
N ARG A 78 -15.94 -19.06 -17.61
CA ARG A 78 -14.57 -18.93 -18.13
C ARG A 78 -14.23 -17.47 -18.42
N THR A 79 -14.93 -16.89 -19.39
CA THR A 79 -14.62 -15.55 -19.87
C THR A 79 -14.86 -14.45 -18.82
N ARG A 80 -15.86 -14.65 -17.97
CA ARG A 80 -16.20 -13.66 -16.94
C ARG A 80 -15.12 -13.54 -15.87
N MSE A 81 -14.70 -14.67 -15.32
CA MSE A 81 -13.72 -14.68 -14.24
C MSE A 81 -12.28 -14.51 -14.74
O MSE A 81 -11.34 -14.46 -13.94
CB MSE A 81 -13.86 -15.93 -13.38
CG MSE A 81 -13.26 -17.20 -13.98
SE MSE A 81 -14.30 -18.83 -13.65
CE MSE A 81 -12.88 -20.11 -13.87
N GLN A 82 -12.11 -14.43 -16.05
CA GLN A 82 -10.82 -14.04 -16.61
C GLN A 82 -10.90 -12.63 -17.17
N ARG A 83 -12.13 -12.11 -17.30
CA ARG A 83 -12.34 -10.71 -17.65
C ARG A 83 -12.03 -9.82 -16.45
N GLU A 84 -12.64 -10.11 -15.30
CA GLU A 84 -12.41 -9.31 -14.11
C GLU A 84 -11.07 -9.63 -13.45
N ALA A 85 -10.52 -10.80 -13.73
CA ALA A 85 -9.15 -11.12 -13.34
C ALA A 85 -8.18 -10.19 -14.08
N ARG A 86 -8.46 -9.94 -15.35
CA ARG A 86 -7.67 -9.02 -16.16
C ARG A 86 -7.79 -7.56 -15.69
N THR A 87 -8.97 -7.18 -15.22
CA THR A 87 -9.19 -5.83 -14.71
C THR A 87 -8.57 -5.66 -13.33
N ALA A 88 -8.56 -6.74 -12.56
CA ALA A 88 -7.97 -6.72 -11.23
C ALA A 88 -6.48 -6.42 -11.30
N GLY A 89 -5.77 -7.14 -12.16
CA GLY A 89 -4.34 -6.93 -12.32
C GLY A 89 -3.98 -5.66 -13.08
N ARG A 90 -4.99 -4.92 -13.51
CA ARG A 90 -4.79 -3.62 -14.14
C ARG A 90 -4.79 -2.52 -13.09
N LEU A 91 -5.25 -2.87 -11.90
CA LEU A 91 -5.40 -1.89 -10.84
C LEU A 91 -4.04 -1.52 -10.30
N GLN A 92 -3.91 -0.28 -9.83
CA GLN A 92 -2.64 0.18 -9.29
C GLN A 92 -2.78 0.68 -7.88
N GLU A 93 -4.02 0.73 -7.40
CA GLU A 93 -4.27 1.26 -6.09
C GLU A 93 -3.64 0.33 -5.05
N PRO A 94 -2.96 0.91 -4.04
CA PRO A 94 -2.24 0.12 -3.04
C PRO A 94 -3.04 -0.56 -1.94
N HIS A 95 -4.36 -0.33 -1.87
CA HIS A 95 -5.22 -1.04 -0.92
C HIS A 95 -6.01 -2.14 -1.61
N VAL A 96 -5.55 -2.47 -2.80
CA VAL A 96 -6.02 -3.63 -3.49
C VAL A 96 -4.83 -4.57 -3.59
N VAL A 97 -5.06 -5.79 -3.13
CA VAL A 97 -4.12 -6.89 -3.28
C VAL A 97 -3.58 -6.94 -4.71
N PRO A 98 -2.24 -6.91 -4.85
CA PRO A 98 -1.54 -7.10 -6.12
C PRO A 98 -1.84 -8.48 -6.69
N ILE A 99 -2.10 -8.56 -8.00
CA ILE A 99 -2.24 -9.85 -8.67
C ILE A 99 -0.90 -10.18 -9.31
N HIS A 100 -0.32 -11.33 -8.95
CA HIS A 100 0.93 -11.75 -9.56
C HIS A 100 0.74 -12.29 -10.96
N ASP A 101 -0.21 -13.20 -11.12
CA ASP A 101 -0.34 -13.93 -12.36
C ASP A 101 -1.71 -14.59 -12.39
N PHE A 102 -2.08 -15.09 -13.58
CA PHE A 102 -3.31 -15.84 -13.78
C PHE A 102 -3.30 -16.55 -15.14
N GLY A 103 -4.13 -17.58 -15.27
CA GLY A 103 -4.25 -18.34 -16.52
C GLY A 103 -4.81 -19.73 -16.26
N GLU A 104 -4.32 -20.72 -16.99
CA GLU A 104 -4.66 -22.12 -16.73
C GLU A 104 -3.46 -23.01 -16.45
N ILE A 105 -3.62 -23.91 -15.49
CA ILE A 105 -2.80 -25.12 -15.39
C ILE A 105 -3.75 -26.28 -15.10
N ASP A 106 -3.58 -27.38 -15.84
CA ASP A 106 -4.38 -28.61 -15.64
C ASP A 106 -5.88 -28.34 -15.71
N GLY A 107 -6.30 -27.63 -16.75
CA GLY A 107 -7.71 -27.23 -16.87
C GLY A 107 -8.11 -26.15 -15.88
N GLN A 108 -7.57 -26.22 -14.65
CA GLN A 108 -7.95 -25.31 -13.55
C GLN A 108 -7.49 -23.88 -13.80
N LEU A 109 -8.41 -22.93 -13.67
CA LEU A 109 -8.09 -21.51 -13.78
C LEU A 109 -7.68 -20.95 -12.44
N TYR A 110 -6.55 -20.26 -12.43
CA TYR A 110 -5.95 -19.79 -11.19
C TYR A 110 -5.72 -18.28 -11.20
N VAL A 111 -5.69 -17.69 -10.00
CA VAL A 111 -5.21 -16.33 -9.80
C VAL A 111 -4.22 -16.30 -8.64
N ASP A 112 -2.99 -15.89 -8.94
CA ASP A 112 -1.92 -15.84 -7.96
C ASP A 112 -1.77 -14.41 -7.47
N MSE A 113 -1.86 -14.23 -6.16
CA MSE A 113 -1.79 -12.89 -5.58
C MSE A 113 -0.91 -12.83 -4.35
O MSE A 113 -0.62 -13.85 -3.73
CB MSE A 113 -3.20 -12.40 -5.26
CG MSE A 113 -4.12 -13.50 -4.82
SE MSE A 113 -5.91 -12.93 -4.41
CE MSE A 113 -6.78 -13.06 -6.19
N ARG A 114 -0.51 -11.60 -4.02
CA ARG A 114 0.24 -11.27 -2.80
C ARG A 114 -0.51 -11.73 -1.54
N LEU A 115 0.24 -12.35 -0.62
CA LEU A 115 -0.35 -12.85 0.61
C LEU A 115 -0.33 -11.78 1.69
N ILE A 116 -1.48 -11.54 2.31
CA ILE A 116 -1.56 -10.54 3.34
C ILE A 116 -1.95 -11.11 4.68
N ASN A 117 -1.32 -10.57 5.73
CA ASN A 117 -1.63 -10.88 7.12
C ASN A 117 -2.60 -9.87 7.69
N GLY A 118 -3.27 -10.24 8.78
CA GLY A 118 -4.16 -9.32 9.46
C GLY A 118 -5.49 -9.96 9.80
N VAL A 119 -6.42 -9.15 10.28
CA VAL A 119 -7.73 -9.63 10.71
C VAL A 119 -8.85 -8.89 9.98
N ASP A 120 -9.99 -9.56 9.82
CA ASP A 120 -11.24 -8.95 9.34
C ASP A 120 -11.61 -7.79 10.22
N LEU A 121 -12.22 -6.79 9.60
CA LEU A 121 -12.92 -5.78 10.35
C LEU A 121 -14.02 -6.47 11.19
N ALA A 122 -14.72 -7.42 10.56
CA ALA A 122 -15.65 -8.30 11.26
C ALA A 122 -15.02 -8.95 12.50
N ALA A 123 -13.80 -9.47 12.37
CA ALA A 123 -13.10 -10.06 13.51
C ALA A 123 -12.70 -9.03 14.56
N MSE A 124 -12.13 -7.90 14.13
CA MSE A 124 -11.86 -6.77 15.03
C MSE A 124 -13.08 -6.41 15.87
O MSE A 124 -13.02 -6.43 17.09
CB MSE A 124 -11.45 -5.52 14.26
CG MSE A 124 -10.19 -5.61 13.49
SE MSE A 124 -9.18 -3.90 13.37
CE MSE A 124 -10.50 -2.73 12.60
N LEU A 125 -14.17 -6.05 15.20
CA LEU A 125 -15.32 -5.48 15.88
C LEU A 125 -15.80 -6.39 17.00
N ARG A 126 -15.95 -7.69 16.68
CA ARG A 126 -16.32 -8.71 17.66
C ARG A 126 -15.39 -8.68 18.85
N ARG A 127 -14.10 -8.55 18.59
CA ARG A 127 -13.09 -8.75 19.62
C ARG A 127 -12.63 -7.46 20.29
N GLN A 128 -13.02 -6.32 19.73
CA GLN A 128 -12.51 -5.02 20.18
C GLN A 128 -13.62 -4.01 20.47
N GLY A 129 -14.86 -4.35 20.10
CA GLY A 129 -15.95 -3.41 20.23
C GLY A 129 -15.84 -2.35 19.16
N PRO A 130 -16.53 -1.20 19.34
CA PRO A 130 -16.44 -0.11 18.38
C PRO A 130 -15.03 0.45 18.29
N LEU A 131 -14.69 1.04 17.15
CA LEU A 131 -13.40 1.70 16.97
C LEU A 131 -13.44 3.17 17.35
N ALA A 132 -12.36 3.66 17.94
CA ALA A 132 -12.14 5.09 18.05
C ALA A 132 -12.40 5.69 16.67
N PRO A 133 -13.21 6.77 16.61
CA PRO A 133 -13.61 7.33 15.30
C PRO A 133 -12.47 7.61 14.31
N PRO A 134 -11.37 8.25 14.75
CA PRO A 134 -10.29 8.45 13.80
C PRO A 134 -9.78 7.15 13.16
N ARG A 135 -9.78 6.08 13.93
CA ARG A 135 -9.39 4.79 13.42
C ARG A 135 -10.41 4.29 12.39
N ALA A 136 -11.69 4.40 12.73
CA ALA A 136 -12.76 4.02 11.83
C ALA A 136 -12.58 4.74 10.51
N VAL A 137 -12.39 6.05 10.60
CA VAL A 137 -12.22 6.89 9.43
C VAL A 137 -11.00 6.42 8.64
N ALA A 138 -9.86 6.29 9.31
CA ALA A 138 -8.66 5.82 8.64
C ALA A 138 -8.94 4.56 7.83
N ILE A 139 -9.63 3.60 8.44
CA ILE A 139 -9.98 2.37 7.72
C ILE A 139 -10.93 2.65 6.55
N VAL A 140 -12.01 3.37 6.79
CA VAL A 140 -12.95 3.69 5.69
C VAL A 140 -12.24 4.39 4.52
N ARG A 141 -11.32 5.29 4.83
CA ARG A 141 -10.61 6.06 3.80
C ARG A 141 -9.89 5.15 2.81
N GLN A 142 -9.12 4.20 3.34
CA GLN A 142 -8.36 3.25 2.54
C GLN A 142 -9.21 2.32 1.68
N ILE A 143 -10.32 1.81 2.22
CA ILE A 143 -11.18 0.92 1.43
C ILE A 143 -11.94 1.70 0.36
N GLY A 144 -12.43 2.89 0.72
CA GLY A 144 -13.14 3.73 -0.25
C GLY A 144 -12.25 4.03 -1.44
N SER A 145 -10.97 4.20 -1.12
CA SER A 145 -9.94 4.40 -2.12
C SER A 145 -9.85 3.20 -3.05
N ALA A 146 -9.78 2.00 -2.50
CA ALA A 146 -9.79 0.77 -3.30
C ALA A 146 -11.04 0.69 -4.16
N LEU A 147 -12.19 0.97 -3.55
CA LEU A 147 -13.45 0.93 -4.26
C LEU A 147 -13.47 1.89 -5.42
N ASP A 148 -13.08 3.15 -5.19
CA ASP A 148 -13.03 4.15 -6.26
C ASP A 148 -12.20 3.64 -7.45
N ALA A 149 -11.03 3.10 -7.15
CA ALA A 149 -10.13 2.59 -8.17
C ALA A 149 -10.81 1.48 -8.97
N ALA A 150 -11.53 0.60 -8.26
CA ALA A 150 -12.20 -0.50 -8.90
C ALA A 150 -13.21 0.05 -9.92
N HIS A 151 -14.14 0.87 -9.43
CA HIS A 151 -15.11 1.55 -10.28
C HIS A 151 -14.46 2.17 -11.53
N ALA A 152 -13.34 2.86 -11.33
CA ALA A 152 -12.68 3.57 -12.42
C ALA A 152 -12.12 2.67 -13.52
N ALA A 153 -11.78 1.41 -13.20
CA ALA A 153 -11.29 0.49 -14.22
C ALA A 153 -12.42 -0.39 -14.75
N GLY A 154 -13.65 -0.10 -14.31
CA GLY A 154 -14.82 -0.76 -14.85
C GLY A 154 -15.05 -2.13 -14.24
N ALA A 155 -14.73 -2.23 -12.95
CA ALA A 155 -14.98 -3.42 -12.15
C ALA A 155 -15.66 -3.01 -10.86
N THR A 156 -16.79 -2.31 -10.98
CA THR A 156 -17.54 -1.80 -9.82
C THR A 156 -18.04 -2.93 -8.90
N HIS A 157 -17.67 -2.83 -7.63
CA HIS A 157 -18.19 -3.71 -6.59
C HIS A 157 -19.58 -3.28 -6.21
N ARG A 158 -20.51 -4.21 -6.24
CA ARG A 158 -21.88 -3.95 -5.81
C ARG A 158 -22.02 -3.63 -4.31
N ASP A 159 -20.95 -3.82 -3.54
CA ASP A 159 -21.00 -3.65 -2.08
C ASP A 159 -19.70 -3.93 -1.35
N VAL A 160 -19.77 -3.83 -0.03
CA VAL A 160 -18.63 -4.07 0.85
C VAL A 160 -19.17 -4.74 2.11
N LYS A 161 -18.45 -5.75 2.59
CA LYS A 161 -18.72 -6.34 3.90
C LYS A 161 -17.47 -6.13 4.70
N PRO A 162 -17.58 -5.93 6.03
CA PRO A 162 -16.41 -5.89 6.92
C PRO A 162 -15.53 -7.14 6.77
N GLU A 163 -16.17 -8.25 6.43
CA GLU A 163 -15.52 -9.52 6.18
C GLU A 163 -14.70 -9.45 4.88
N ASN A 164 -14.78 -8.34 4.16
CA ASN A 164 -13.99 -8.13 2.94
C ASN A 164 -12.90 -7.10 3.19
N ILE A 165 -12.72 -6.76 4.46
CA ILE A 165 -11.79 -5.72 4.87
C ILE A 165 -10.76 -6.36 5.80
N LEU A 166 -9.50 -6.28 5.39
CA LEU A 166 -8.41 -6.95 6.06
C LEU A 166 -7.45 -5.92 6.61
N VAL A 167 -7.29 -5.90 7.93
CA VAL A 167 -6.49 -4.87 8.57
C VAL A 167 -5.12 -5.43 8.95
N SER A 168 -4.06 -4.84 8.40
CA SER A 168 -2.71 -5.34 8.60
C SER A 168 -2.00 -4.55 9.70
N ALA A 169 -0.67 -4.68 9.70
CA ALA A 169 0.23 -4.01 10.64
C ALA A 169 -0.29 -2.72 11.29
N ASP A 170 -0.10 -1.57 10.64
CA ASP A 170 -0.45 -0.28 11.25
C ASP A 170 -1.77 0.19 10.73
N ASP A 171 -2.81 -0.60 10.97
CA ASP A 171 -4.15 -0.29 10.49
C ASP A 171 -4.18 -0.16 8.97
N PHE A 172 -3.32 -0.89 8.29
CA PHE A 172 -3.32 -0.83 6.85
C PHE A 172 -4.36 -1.79 6.33
N ALA A 173 -5.30 -1.28 5.55
CA ALA A 173 -6.43 -2.08 5.14
C ALA A 173 -6.50 -2.33 3.64
N TYR A 174 -6.76 -3.59 3.28
CA TYR A 174 -7.00 -3.97 1.90
C TYR A 174 -8.43 -4.38 1.68
N LEU A 175 -8.94 -4.04 0.50
CA LEU A 175 -10.21 -4.58 0.05
C LEU A 175 -9.94 -5.93 -0.62
N VAL A 176 -10.47 -7.00 -0.04
CA VAL A 176 -10.36 -8.35 -0.63
C VAL A 176 -11.72 -8.88 -1.08
N ASP A 177 -11.73 -9.73 -2.11
CA ASP A 177 -13.00 -10.23 -2.64
C ASP A 177 -13.52 -11.55 -2.04
N PHE A 178 -13.16 -11.86 -0.78
CA PHE A 178 -13.55 -13.15 -0.17
C PHE A 178 -13.87 -13.10 1.34
N GLY A 179 -13.98 -14.28 1.97
CA GLY A 179 -14.29 -14.41 3.40
C GLY A 179 -13.16 -15.07 4.20
N ILE A 180 -13.47 -16.18 4.87
CA ILE A 180 -12.45 -17.15 5.37
C ILE A 180 -12.92 -18.58 5.11
N GLY A 197 -22.49 -12.23 0.36
CA GLY A 197 -23.09 -10.91 0.51
C GLY A 197 -24.24 -10.93 1.50
N THR A 198 -24.34 -9.91 2.35
CA THR A 198 -25.50 -9.82 3.24
C THR A 198 -26.23 -8.50 3.21
N LEU A 199 -27.53 -8.60 3.49
CA LEU A 199 -28.46 -7.48 3.46
C LEU A 199 -28.13 -6.30 4.36
N TYR A 200 -27.28 -6.53 5.37
CA TYR A 200 -26.92 -5.45 6.31
C TYR A 200 -26.37 -4.22 5.60
N TYR A 201 -25.78 -4.42 4.43
CA TYR A 201 -25.02 -3.37 3.73
C TYR A 201 -25.57 -3.02 2.34
N MSE A 202 -26.83 -3.34 2.10
CA MSE A 202 -27.38 -3.26 0.75
C MSE A 202 -28.30 -2.08 0.50
O MSE A 202 -29.33 -1.91 1.17
CB MSE A 202 -28.12 -4.52 0.39
CG MSE A 202 -27.29 -5.50 -0.39
SE MSE A 202 -28.48 -6.96 -0.91
CE MSE A 202 -27.10 -8.43 -0.80
N ALA A 203 -27.95 -1.28 -0.50
CA ALA A 203 -28.78 -0.19 -0.98
C ALA A 203 -30.12 -0.72 -1.45
N PRO A 204 -31.17 0.10 -1.35
CA PRO A 204 -32.49 -0.32 -1.76
C PRO A 204 -32.59 -0.60 -3.26
N GLU A 205 -31.94 0.20 -4.10
CA GLU A 205 -32.09 0.06 -5.56
C GLU A 205 -31.71 -1.33 -6.08
N ARG A 206 -31.01 -2.11 -5.24
CA ARG A 206 -30.58 -3.45 -5.60
C ARG A 206 -31.71 -4.49 -5.56
N PHE A 207 -32.74 -4.22 -4.76
CA PHE A 207 -33.84 -5.17 -4.59
C PHE A 207 -34.82 -5.24 -5.78
N SER A 208 -34.96 -4.15 -6.53
CA SER A 208 -35.72 -4.15 -7.79
C SER A 208 -34.92 -3.50 -8.92
N GLU A 209 -35.61 -3.01 -9.94
CA GLU A 209 -34.96 -2.29 -11.05
C GLU A 209 -35.07 -0.77 -10.88
N TYR A 214 -26.03 2.99 -11.41
CA TYR A 214 -25.76 3.22 -9.98
C TYR A 214 -24.53 2.48 -9.41
N ARG A 215 -23.84 3.14 -8.48
CA ARG A 215 -22.77 2.53 -7.70
C ARG A 215 -23.25 2.34 -6.26
N ALA A 216 -23.54 1.09 -5.89
CA ALA A 216 -24.06 0.76 -4.56
C ALA A 216 -23.01 0.63 -3.45
N ASP A 217 -21.74 0.51 -3.81
CA ASP A 217 -20.66 0.39 -2.81
C ASP A 217 -20.51 1.57 -1.84
N ILE A 218 -20.78 2.78 -2.33
CA ILE A 218 -20.77 3.98 -1.48
C ILE A 218 -21.76 3.85 -0.33
N TYR A 219 -22.93 3.29 -0.63
CA TYR A 219 -23.96 3.04 0.38
C TYR A 219 -23.41 2.04 1.40
N ALA A 220 -22.95 0.90 0.90
CA ALA A 220 -22.41 -0.16 1.73
C ALA A 220 -21.34 0.39 2.70
N LEU A 221 -20.35 1.10 2.16
CA LEU A 221 -19.26 1.64 2.97
C LEU A 221 -19.75 2.50 4.14
N THR A 222 -20.85 3.19 3.92
CA THR A 222 -21.41 4.07 4.94
C THR A 222 -22.05 3.26 6.07
N CYS A 223 -22.76 2.19 5.73
CA CYS A 223 -23.16 1.20 6.73
C CYS A 223 -21.93 0.66 7.49
N VAL A 224 -20.88 0.31 6.75
CA VAL A 224 -19.69 -0.21 7.40
C VAL A 224 -19.10 0.83 8.36
N LEU A 225 -19.00 2.07 7.89
CA LEU A 225 -18.51 3.16 8.74
C LEU A 225 -19.37 3.24 10.00
N TYR A 226 -20.69 3.28 9.81
CA TYR A 226 -21.63 3.30 10.91
C TYR A 226 -21.28 2.24 11.94
N GLU A 227 -21.15 1.00 11.49
CA GLU A 227 -20.88 -0.12 12.37
C GLU A 227 -19.58 0.03 13.16
N CYS A 228 -18.55 0.56 12.50
CA CYS A 228 -17.26 0.80 13.13
C CYS A 228 -17.40 1.77 14.29
N LEU A 229 -18.33 2.71 14.12
CA LEU A 229 -18.52 3.76 15.10
C LEU A 229 -19.34 3.26 16.27
N THR A 230 -20.52 2.72 15.96
CA THR A 230 -21.49 2.41 16.99
C THR A 230 -21.21 1.07 17.63
N GLY A 231 -20.74 0.13 16.81
CA GLY A 231 -20.55 -1.24 17.27
C GLY A 231 -21.41 -2.22 16.49
N SER A 232 -22.48 -1.73 15.88
CA SER A 232 -23.45 -2.59 15.17
C SER A 232 -23.99 -1.98 13.85
N PRO A 233 -24.45 -2.85 12.91
CA PRO A 233 -24.90 -2.35 11.62
C PRO A 233 -26.13 -1.50 11.83
N PRO A 234 -26.40 -0.54 10.92
CA PRO A 234 -27.51 0.41 11.08
C PRO A 234 -28.87 -0.22 11.24
N TYR A 235 -29.10 -1.36 10.58
CA TYR A 235 -30.41 -2.00 10.69
C TYR A 235 -30.31 -3.43 11.20
N GLN A 236 -30.91 -3.69 12.36
CA GLN A 236 -30.92 -5.04 12.95
C GLN A 236 -32.19 -5.79 12.56
N GLY A 237 -32.32 -7.03 13.04
CA GLY A 237 -33.47 -7.86 12.74
C GLY A 237 -33.18 -8.92 11.68
N ASP A 238 -34.22 -9.59 11.20
CA ASP A 238 -34.06 -10.63 10.18
C ASP A 238 -34.07 -10.07 8.75
N GLN A 239 -33.76 -10.95 7.80
CA GLN A 239 -33.60 -10.58 6.40
C GLN A 239 -34.78 -9.77 5.89
N LEU A 240 -36.00 -10.17 6.24
CA LEU A 240 -37.19 -9.43 5.84
C LEU A 240 -37.20 -8.01 6.42
N SER A 241 -37.25 -7.90 7.74
CA SER A 241 -37.26 -6.59 8.42
C SER A 241 -36.07 -5.69 8.04
N VAL A 242 -34.88 -6.27 7.88
CA VAL A 242 -33.73 -5.49 7.42
C VAL A 242 -33.93 -4.94 6.01
N MSE A 243 -34.26 -5.80 5.06
CA MSE A 243 -34.54 -5.40 3.68
C MSE A 243 -35.51 -4.25 3.65
O MSE A 243 -35.31 -3.29 2.88
CB MSE A 243 -35.13 -6.56 2.88
CG MSE A 243 -35.00 -6.41 1.38
SE MSE A 243 -36.38 -7.38 0.43
CE MSE A 243 -35.96 -9.28 0.93
N GLY A 244 -36.57 -4.34 4.48
CA GLY A 244 -37.55 -3.27 4.62
C GLY A 244 -36.95 -2.00 5.22
N ALA A 245 -36.08 -2.20 6.21
CA ALA A 245 -35.54 -1.07 6.95
C ALA A 245 -34.77 -0.13 6.02
N HIS A 246 -34.01 -0.74 5.11
CA HIS A 246 -33.20 -0.01 4.12
C HIS A 246 -34.08 0.83 3.18
N ILE A 247 -35.24 0.29 2.85
CA ILE A 247 -36.10 0.94 1.89
C ILE A 247 -36.77 2.14 2.54
N ASN A 248 -37.00 2.05 3.85
CA ASN A 248 -37.98 2.88 4.50
C ASN A 248 -37.54 3.51 5.84
N GLN A 249 -36.93 2.72 6.73
CA GLN A 249 -36.62 3.21 8.08
C GLN A 249 -35.80 4.49 7.99
N ALA A 250 -36.09 5.44 8.88
CA ALA A 250 -35.25 6.63 9.04
C ALA A 250 -33.82 6.20 9.29
N ILE A 251 -32.90 6.77 8.51
CA ILE A 251 -31.46 6.60 8.68
C ILE A 251 -31.06 6.95 10.11
N PRO A 252 -30.25 6.10 10.76
CA PRO A 252 -29.87 6.30 12.17
C PRO A 252 -28.86 7.43 12.35
N ARG A 253 -28.85 8.02 13.55
CA ARG A 253 -27.92 9.09 13.92
C ARG A 253 -26.87 8.60 14.94
N PRO A 254 -25.69 8.18 14.45
CA PRO A 254 -24.63 7.51 15.22
C PRO A 254 -24.25 8.17 16.55
N SER A 255 -24.27 9.50 16.60
CA SER A 255 -23.99 10.21 17.84
C SER A 255 -25.00 9.89 18.96
N THR A 256 -26.20 9.44 18.58
CA THR A 256 -27.21 9.08 19.59
C THR A 256 -26.96 7.72 20.24
N VAL A 257 -25.85 7.08 19.92
CA VAL A 257 -25.51 5.79 20.54
C VAL A 257 -24.34 5.87 21.52
N ARG A 258 -23.11 6.02 20.98
CA ARG A 258 -21.91 6.06 21.82
C ARG A 258 -21.58 7.51 22.22
N PRO A 259 -20.98 7.71 23.42
CA PRO A 259 -20.62 9.04 23.90
C PRO A 259 -19.67 9.82 22.98
N GLY A 260 -18.54 9.23 22.58
CA GLY A 260 -17.46 9.98 21.92
C GLY A 260 -17.54 10.17 20.41
N ILE A 261 -18.74 10.08 19.84
CA ILE A 261 -18.98 10.26 18.39
C ILE A 261 -19.51 11.66 18.05
N PRO A 262 -18.68 12.48 17.35
CA PRO A 262 -19.03 13.85 16.98
C PRO A 262 -20.35 13.95 16.23
N VAL A 263 -21.02 15.10 16.37
CA VAL A 263 -22.32 15.32 15.76
C VAL A 263 -22.25 15.25 14.23
N ALA A 264 -21.28 15.97 13.67
CA ALA A 264 -21.15 16.13 12.21
C ALA A 264 -21.33 14.81 11.45
N PHE A 265 -21.11 13.69 12.14
CA PHE A 265 -21.22 12.35 11.53
C PHE A 265 -22.63 11.94 11.09
N ASP A 266 -23.64 12.29 11.86
CA ASP A 266 -25.02 11.98 11.46
C ASP A 266 -25.31 12.50 10.05
N ALA A 267 -24.79 13.69 9.75
CA ALA A 267 -24.92 14.27 8.43
C ALA A 267 -24.23 13.37 7.41
N VAL A 268 -22.96 13.03 7.66
CA VAL A 268 -22.26 12.12 6.77
C VAL A 268 -23.03 10.82 6.50
N ILE A 269 -23.47 10.15 7.56
CA ILE A 269 -24.22 8.91 7.41
C ILE A 269 -25.53 9.14 6.67
N ALA A 270 -26.20 10.24 6.99
CA ALA A 270 -27.47 10.59 6.35
C ALA A 270 -27.27 10.72 4.85
N ARG A 271 -26.22 11.42 4.47
CA ARG A 271 -25.92 11.60 3.07
C ARG A 271 -25.46 10.30 2.43
N GLY A 272 -24.63 9.55 3.16
CA GLY A 272 -23.97 8.37 2.62
C GLY A 272 -24.93 7.21 2.40
N MSE A 273 -25.98 7.16 3.20
CA MSE A 273 -27.03 6.19 2.97
C MSE A 273 -28.39 6.84 2.81
O MSE A 273 -29.42 6.28 3.20
CB MSE A 273 -27.02 5.07 4.02
CG MSE A 273 -27.03 5.51 5.47
SE MSE A 273 -26.64 3.98 6.65
CE MSE A 273 -28.28 2.95 6.35
N ALA A 274 -28.39 8.04 2.22
CA ALA A 274 -29.61 8.70 1.81
C ALA A 274 -30.39 7.75 0.92
N LYS A 275 -31.70 7.95 0.86
CA LYS A 275 -32.58 6.97 0.20
C LYS A 275 -32.42 6.97 -1.30
N ASN A 276 -32.65 8.13 -1.92
CA ASN A 276 -32.36 8.33 -3.34
C ASN A 276 -30.83 8.32 -3.61
N PRO A 277 -30.39 7.39 -4.48
CA PRO A 277 -28.99 7.26 -4.87
C PRO A 277 -28.35 8.60 -5.21
N GLU A 278 -29.13 9.48 -5.84
CA GLU A 278 -28.61 10.75 -6.30
C GLU A 278 -28.40 11.77 -5.19
N ASP A 279 -28.83 11.43 -3.98
CA ASP A 279 -28.57 12.28 -2.81
C ASP A 279 -27.31 11.92 -2.06
N ARG A 280 -26.68 10.80 -2.44
CA ARG A 280 -25.55 10.29 -1.68
C ARG A 280 -24.30 10.90 -2.26
N TYR A 281 -23.15 10.59 -1.66
CA TYR A 281 -21.88 11.01 -2.21
C TYR A 281 -21.67 10.27 -3.52
N VAL A 282 -21.03 10.94 -4.46
CA VAL A 282 -20.79 10.39 -5.79
C VAL A 282 -19.59 9.42 -5.77
N THR A 283 -18.67 9.68 -4.87
CA THR A 283 -17.54 8.78 -4.63
C THR A 283 -17.33 8.39 -3.17
N CYS A 284 -16.61 7.30 -2.98
CA CYS A 284 -16.14 6.91 -1.68
C CYS A 284 -15.13 7.92 -1.19
N GLY A 285 -14.45 8.56 -2.14
CA GLY A 285 -13.51 9.64 -1.83
C GLY A 285 -14.20 10.77 -1.12
N ASP A 286 -15.37 11.15 -1.62
CA ASP A 286 -16.14 12.24 -1.03
C ASP A 286 -16.74 11.84 0.31
N LEU A 287 -17.18 10.59 0.40
CA LEU A 287 -17.53 10.00 1.67
C LEU A 287 -16.38 10.18 2.65
N SER A 288 -15.22 9.62 2.30
CA SER A 288 -14.03 9.70 3.14
C SER A 288 -13.81 11.12 3.57
N ALA A 289 -13.82 12.04 2.59
CA ALA A 289 -13.46 13.41 2.88
C ALA A 289 -14.40 13.95 3.96
N ALA A 290 -15.69 13.75 3.75
CA ALA A 290 -16.71 14.20 4.70
C ALA A 290 -16.50 13.58 6.05
N ALA A 291 -16.22 12.28 6.07
CA ALA A 291 -16.01 11.53 7.30
C ALA A 291 -14.86 12.12 8.09
N HIS A 292 -13.75 12.32 7.39
CA HIS A 292 -12.56 12.94 7.94
C HIS A 292 -12.88 14.31 8.55
N ALA A 293 -13.54 15.14 7.77
CA ALA A 293 -13.91 16.49 8.18
C ALA A 293 -14.86 16.49 9.37
N ALA A 294 -15.47 15.33 9.67
CA ALA A 294 -16.41 15.25 10.77
C ALA A 294 -15.73 14.94 12.12
N LEU A 295 -14.40 15.04 12.16
CA LEU A 295 -13.68 14.98 13.41
C LEU A 295 -13.36 16.40 13.89
N ALA A 296 -13.83 16.73 15.10
CA ALA A 296 -13.65 18.06 15.66
C ALA A 296 -12.29 18.19 16.35
N GLY B 34 10.00 -10.52 -24.41
CA GLY B 34 9.18 -11.74 -24.63
C GLY B 34 7.72 -11.41 -24.90
N PRO B 35 6.82 -11.75 -23.95
CA PRO B 35 5.41 -11.38 -23.99
C PRO B 35 5.16 -9.88 -23.83
N TYR B 36 6.23 -9.13 -23.57
CA TYR B 36 6.15 -7.69 -23.34
C TYR B 36 6.49 -6.88 -24.58
N ARG B 37 5.69 -5.85 -24.85
CA ARG B 37 6.03 -4.81 -25.80
C ARG B 37 6.56 -3.60 -25.03
N LEU B 38 7.66 -3.04 -25.51
CA LEU B 38 8.38 -2.00 -24.76
C LEU B 38 7.82 -0.60 -25.01
N ARG B 39 8.05 0.29 -24.05
CA ARG B 39 7.61 1.69 -24.11
C ARG B 39 8.66 2.63 -23.50
N ARG B 40 8.20 3.82 -23.07
CA ARG B 40 9.07 4.87 -22.53
C ARG B 40 10.02 4.39 -21.41
N LEU B 41 11.29 4.81 -21.53
CA LEU B 41 12.29 4.60 -20.49
C LEU B 41 11.92 5.45 -19.27
N VAL B 42 12.04 4.87 -18.08
CA VAL B 42 11.57 5.52 -16.85
C VAL B 42 12.55 5.51 -15.66
N GLY B 43 13.41 4.49 -15.58
CA GLY B 43 14.36 4.39 -14.46
C GLY B 43 15.70 3.73 -14.77
N ARG B 44 16.63 3.84 -13.84
CA ARG B 44 17.90 3.13 -13.95
C ARG B 44 18.42 2.71 -12.57
N GLY B 45 18.50 1.40 -12.37
CA GLY B 45 19.13 0.82 -11.19
C GLY B 45 20.61 0.59 -11.47
N GLY B 46 21.35 0.16 -10.44
CA GLY B 46 22.77 -0.14 -10.57
C GLY B 46 23.04 -1.36 -11.45
N MSE B 47 21.97 -2.06 -11.82
CA MSE B 47 22.08 -3.28 -12.59
C MSE B 47 21.02 -3.35 -13.69
O MSE B 47 21.14 -4.15 -14.61
CB MSE B 47 21.93 -4.49 -11.66
CG MSE B 47 23.15 -4.74 -10.79
SE MSE B 47 22.89 -6.27 -9.60
CE MSE B 47 24.71 -6.37 -8.79
N GLY B 48 20.00 -2.50 -13.58
CA GLY B 48 18.88 -2.53 -14.52
C GLY B 48 18.44 -1.20 -15.09
N ASP B 49 17.74 -1.27 -16.22
CA ASP B 49 17.03 -0.13 -16.79
C ASP B 49 15.53 -0.43 -16.79
N VAL B 50 14.74 0.49 -16.24
CA VAL B 50 13.31 0.26 -16.08
C VAL B 50 12.50 0.91 -17.20
N TYR B 51 11.68 0.10 -17.88
CA TYR B 51 10.82 0.59 -18.94
C TYR B 51 9.37 0.40 -18.58
N GLU B 52 8.52 1.27 -19.12
CA GLU B 52 7.09 0.99 -19.14
C GLU B 52 6.91 -0.10 -20.19
N ALA B 53 6.05 -1.07 -19.91
CA ALA B 53 5.90 -2.23 -20.79
C ALA B 53 4.47 -2.73 -20.87
N GLU B 54 4.09 -3.27 -22.03
CA GLU B 54 2.79 -3.90 -22.14
C GLU B 54 2.85 -5.42 -22.12
N ASP B 55 2.39 -6.00 -21.03
CA ASP B 55 2.23 -7.43 -20.99
C ASP B 55 1.06 -7.79 -21.90
N THR B 56 1.40 -8.28 -23.08
CA THR B 56 0.40 -8.62 -24.08
C THR B 56 -0.39 -9.88 -23.69
N VAL B 57 0.22 -10.73 -22.85
CA VAL B 57 -0.39 -11.98 -22.40
C VAL B 57 -1.46 -11.79 -21.30
N ARG B 58 -1.21 -10.88 -20.36
CA ARG B 58 -2.11 -10.66 -19.23
C ARG B 58 -2.86 -9.32 -19.36
N GLU B 59 -2.60 -8.61 -20.45
CA GLU B 59 -3.34 -7.40 -20.86
C GLU B 59 -3.29 -6.21 -19.90
N ARG B 60 -2.09 -5.87 -19.46
CA ARG B 60 -1.89 -4.75 -18.55
C ARG B 60 -0.57 -4.05 -18.84
N ILE B 61 -0.46 -2.80 -18.41
CA ILE B 61 0.78 -2.07 -18.58
C ILE B 61 1.54 -2.16 -17.28
N VAL B 62 2.83 -2.47 -17.37
CA VAL B 62 3.66 -2.73 -16.20
C VAL B 62 4.98 -2.03 -16.30
N ALA B 63 5.59 -1.77 -15.15
CA ALA B 63 6.96 -1.31 -15.10
C ALA B 63 7.89 -2.52 -15.21
N LEU B 64 8.72 -2.55 -16.25
CA LEU B 64 9.59 -3.69 -16.51
C LEU B 64 11.06 -3.30 -16.50
N LYS B 65 11.87 -4.12 -15.84
CA LYS B 65 13.30 -3.88 -15.67
C LYS B 65 14.10 -5.01 -16.32
N LEU B 66 15.03 -4.63 -17.20
CA LEU B 66 15.89 -5.57 -17.90
C LEU B 66 17.34 -5.50 -17.42
N MSE B 67 17.89 -6.65 -17.01
CA MSE B 67 19.31 -6.74 -16.69
C MSE B 67 20.12 -7.10 -17.93
O MSE B 67 20.15 -8.27 -18.36
CB MSE B 67 19.58 -7.71 -15.53
CG MSE B 67 19.68 -7.04 -14.16
SE MSE B 67 18.02 -6.99 -13.12
CE MSE B 67 18.67 -6.13 -11.42
N SER B 68 20.78 -6.09 -18.48
CA SER B 68 21.44 -6.21 -19.77
C SER B 68 22.91 -6.64 -19.66
N GLU B 69 23.68 -6.35 -20.71
CA GLU B 69 25.08 -6.79 -20.87
C GLU B 69 25.25 -8.31 -20.67
N THR B 70 24.11 -9.00 -20.66
CA THR B 70 24.01 -10.36 -20.13
C THR B 70 24.92 -10.50 -18.92
N LEU B 71 24.68 -9.64 -17.92
CA LEU B 71 25.32 -9.74 -16.63
C LEU B 71 24.74 -10.96 -15.91
N SER B 72 23.62 -11.44 -16.47
CA SER B 72 22.91 -12.65 -16.01
C SER B 72 23.75 -13.92 -16.09
N SER B 73 24.93 -13.82 -16.70
CA SER B 73 25.74 -14.98 -17.03
C SER B 73 26.81 -15.31 -15.98
N ASP B 74 27.54 -14.31 -15.51
CA ASP B 74 28.53 -14.53 -14.46
C ASP B 74 27.87 -14.75 -13.11
N PRO B 75 28.24 -15.85 -12.40
CA PRO B 75 27.48 -16.34 -11.26
C PRO B 75 27.32 -15.30 -10.17
N VAL B 76 28.40 -14.59 -9.86
CA VAL B 76 28.44 -13.58 -8.81
C VAL B 76 27.27 -12.57 -8.87
N PHE B 77 26.81 -12.28 -10.08
CA PHE B 77 25.73 -11.32 -10.28
C PHE B 77 24.40 -12.01 -10.50
N ARG B 78 24.43 -13.03 -11.37
CA ARG B 78 23.32 -13.97 -11.58
C ARG B 78 22.70 -14.46 -10.26
N THR B 79 23.48 -14.39 -9.19
CA THR B 79 23.00 -14.78 -7.86
C THR B 79 22.54 -13.55 -7.07
N ARG B 80 23.28 -12.45 -7.19
CA ARG B 80 22.93 -11.22 -6.48
C ARG B 80 21.63 -10.64 -7.02
N MSE B 81 21.64 -10.25 -8.30
CA MSE B 81 20.45 -9.67 -8.94
C MSE B 81 19.29 -10.66 -9.13
O MSE B 81 18.29 -10.32 -9.74
CB MSE B 81 20.84 -8.97 -10.26
CG MSE B 81 21.08 -9.89 -11.45
SE MSE B 81 22.18 -9.14 -12.91
CE MSE B 81 21.45 -10.15 -14.36
N GLN B 82 19.43 -11.86 -8.59
CA GLN B 82 18.35 -12.86 -8.63
C GLN B 82 17.78 -13.18 -7.26
N ARG B 83 18.61 -13.13 -6.20
CA ARG B 83 18.11 -13.28 -4.82
C ARG B 83 17.56 -11.95 -4.29
N GLU B 84 18.02 -10.86 -4.89
CA GLU B 84 17.41 -9.58 -4.67
C GLU B 84 16.01 -9.58 -5.23
N ALA B 85 15.86 -10.17 -6.42
CA ALA B 85 14.54 -10.38 -7.00
C ALA B 85 13.63 -11.22 -6.11
N ARG B 86 14.17 -12.28 -5.53
CA ARG B 86 13.39 -13.17 -4.68
C ARG B 86 12.93 -12.45 -3.44
N THR B 87 13.86 -11.71 -2.84
CA THR B 87 13.58 -10.93 -1.64
C THR B 87 12.50 -9.88 -1.93
N ALA B 88 12.74 -9.02 -2.91
CA ALA B 88 11.73 -8.03 -3.29
C ALA B 88 10.37 -8.72 -3.38
N GLY B 89 10.33 -9.87 -4.07
CA GLY B 89 9.10 -10.63 -4.29
C GLY B 89 8.46 -11.11 -3.00
N ARG B 90 9.27 -11.39 -1.99
CA ARG B 90 8.78 -11.90 -0.70
C ARG B 90 8.22 -10.82 0.21
N LEU B 91 8.63 -9.56 0.00
CA LEU B 91 8.23 -8.48 0.91
C LEU B 91 6.75 -8.24 0.78
N GLN B 92 6.09 -8.27 1.92
CA GLN B 92 4.64 -8.10 1.98
C GLN B 92 4.23 -6.65 2.28
N GLU B 93 5.22 -5.77 2.38
CA GLU B 93 5.01 -4.43 2.92
C GLU B 93 4.47 -3.48 1.88
N PRO B 94 3.33 -2.85 2.17
CA PRO B 94 2.58 -2.04 1.21
C PRO B 94 3.30 -0.85 0.58
N HIS B 95 4.46 -0.45 1.11
CA HIS B 95 5.24 0.67 0.53
C HIS B 95 6.48 0.23 -0.24
N VAL B 96 6.41 -0.97 -0.80
CA VAL B 96 7.46 -1.50 -1.65
C VAL B 96 6.73 -1.99 -2.86
N VAL B 97 7.15 -1.55 -4.04
CA VAL B 97 6.49 -1.90 -5.29
C VAL B 97 6.29 -3.43 -5.48
N PRO B 98 5.04 -3.87 -5.64
CA PRO B 98 4.74 -5.29 -5.85
C PRO B 98 5.47 -5.87 -7.05
N ILE B 99 6.11 -7.02 -6.87
CA ILE B 99 6.81 -7.69 -7.96
C ILE B 99 5.94 -8.79 -8.60
N HIS B 100 5.56 -8.64 -9.86
CA HIS B 100 4.67 -9.61 -10.49
C HIS B 100 5.36 -10.94 -10.74
N ASP B 101 6.51 -10.87 -11.40
CA ASP B 101 7.20 -12.04 -11.90
C ASP B 101 8.64 -11.63 -12.13
N PHE B 102 9.52 -12.62 -12.21
CA PHE B 102 10.92 -12.44 -12.57
C PHE B 102 11.47 -13.76 -13.09
N GLY B 103 12.11 -13.73 -14.24
CA GLY B 103 12.78 -14.91 -14.77
C GLY B 103 13.80 -14.42 -15.75
N GLU B 104 14.20 -15.29 -16.68
CA GLU B 104 14.99 -14.83 -17.83
C GLU B 104 14.35 -15.19 -19.16
N ILE B 105 14.27 -14.20 -20.05
CA ILE B 105 13.72 -14.43 -21.38
C ILE B 105 14.68 -13.92 -22.47
N ASP B 106 14.85 -14.73 -23.52
CA ASP B 106 15.85 -14.48 -24.57
C ASP B 106 17.21 -14.12 -23.97
N GLY B 107 17.71 -14.99 -23.09
CA GLY B 107 18.99 -14.78 -22.43
C GLY B 107 18.92 -13.87 -21.20
N GLN B 108 18.41 -12.65 -21.39
CA GLN B 108 18.37 -11.62 -20.33
C GLN B 108 17.45 -11.95 -19.16
N LEU B 109 17.91 -11.64 -17.95
CA LEU B 109 17.06 -11.65 -16.76
C LEU B 109 16.26 -10.35 -16.66
N TYR B 110 15.00 -10.45 -16.26
CA TYR B 110 14.12 -9.28 -16.13
C TYR B 110 13.39 -9.30 -14.81
N VAL B 111 12.91 -8.13 -14.41
CA VAL B 111 11.86 -8.07 -13.38
C VAL B 111 10.63 -7.33 -13.89
N ASP B 112 9.47 -7.90 -13.57
CA ASP B 112 8.19 -7.32 -13.91
C ASP B 112 7.51 -6.97 -12.61
N MSE B 113 7.25 -5.69 -12.42
CA MSE B 113 6.58 -5.18 -11.21
C MSE B 113 5.40 -4.28 -11.57
O MSE B 113 5.29 -3.84 -12.72
CB MSE B 113 7.57 -4.41 -10.34
CG MSE B 113 8.07 -3.11 -10.98
SE MSE B 113 9.87 -2.55 -10.39
CE MSE B 113 10.97 -3.82 -11.43
N ARG B 114 4.54 -4.01 -10.60
CA ARG B 114 3.47 -3.01 -10.72
C ARG B 114 4.01 -1.65 -11.15
N LEU B 115 3.24 -1.01 -12.02
CA LEU B 115 3.55 0.32 -12.49
C LEU B 115 2.92 1.35 -11.55
N ILE B 116 3.77 2.14 -10.91
CA ILE B 116 3.30 3.22 -10.10
C ILE B 116 3.80 4.45 -10.76
N ASN B 117 2.91 5.37 -11.09
CA ASN B 117 3.38 6.67 -11.54
C ASN B 117 3.36 7.63 -10.38
N GLY B 118 4.36 8.50 -10.35
CA GLY B 118 4.49 9.53 -9.33
C GLY B 118 5.66 10.40 -9.71
N VAL B 119 6.26 11.04 -8.73
CA VAL B 119 7.47 11.82 -8.94
C VAL B 119 8.43 11.47 -7.81
N ASP B 120 9.73 11.52 -8.10
CA ASP B 120 10.70 11.20 -7.06
C ASP B 120 10.85 12.36 -6.09
N LEU B 121 11.16 12.04 -4.84
CA LEU B 121 11.27 13.04 -3.80
C LEU B 121 12.31 14.09 -4.15
N ALA B 122 13.32 13.68 -4.90
CA ALA B 122 14.37 14.59 -5.32
C ALA B 122 13.82 15.63 -6.31
N ALA B 123 13.03 15.18 -7.28
CA ALA B 123 12.37 16.08 -8.23
C ALA B 123 11.42 17.00 -7.48
N MSE B 124 10.63 16.39 -6.61
CA MSE B 124 9.66 17.06 -5.80
C MSE B 124 10.31 18.16 -4.95
O MSE B 124 9.73 19.23 -4.76
CB MSE B 124 9.00 16.04 -4.89
CG MSE B 124 7.83 16.53 -4.10
SE MSE B 124 6.80 14.99 -3.51
CE MSE B 124 6.24 15.66 -1.76
N LEU B 125 11.52 17.90 -4.48
CA LEU B 125 12.17 18.86 -3.61
C LEU B 125 12.70 20.08 -4.35
N ARG B 126 13.29 19.90 -5.52
CA ARG B 126 13.85 21.06 -6.24
C ARG B 126 12.73 21.91 -6.85
N ARG B 127 11.80 21.25 -7.53
CA ARG B 127 10.61 21.90 -8.10
C ARG B 127 9.86 22.75 -7.08
N GLN B 128 9.49 22.16 -5.95
CA GLN B 128 8.69 22.85 -4.94
C GLN B 128 9.56 23.55 -3.90
N GLY B 129 10.14 22.79 -2.99
CA GLY B 129 11.03 23.35 -1.96
C GLY B 129 10.99 22.52 -0.71
N PRO B 130 11.27 23.11 0.45
CA PRO B 130 11.07 22.39 1.71
C PRO B 130 9.64 21.91 1.85
N LEU B 131 9.42 20.80 2.56
CA LEU B 131 8.06 20.33 2.78
C LEU B 131 7.51 20.80 4.11
N ALA B 132 6.20 21.00 4.14
CA ALA B 132 5.45 21.12 5.39
C ALA B 132 5.82 19.90 6.22
N PRO B 133 6.10 20.10 7.51
CA PRO B 133 6.59 18.98 8.32
C PRO B 133 5.64 17.76 8.38
N PRO B 134 4.32 17.96 8.57
CA PRO B 134 3.44 16.80 8.56
C PRO B 134 3.63 15.92 7.35
N ARG B 135 3.85 16.53 6.18
CA ARG B 135 4.14 15.79 4.95
C ARG B 135 5.46 15.07 5.13
N ALA B 136 6.47 15.75 5.64
CA ALA B 136 7.80 15.14 5.80
C ALA B 136 7.70 13.87 6.65
N VAL B 137 7.09 13.99 7.82
CA VAL B 137 6.93 12.83 8.69
C VAL B 137 6.14 11.70 8.03
N ALA B 138 5.02 12.04 7.40
CA ALA B 138 4.18 11.06 6.72
C ALA B 138 5.01 10.24 5.69
N ILE B 139 5.81 10.96 4.91
CA ILE B 139 6.54 10.34 3.85
C ILE B 139 7.64 9.47 4.46
N VAL B 140 8.36 10.04 5.41
CA VAL B 140 9.41 9.31 6.08
C VAL B 140 8.83 8.07 6.80
N ARG B 141 7.69 8.26 7.46
CA ARG B 141 7.01 7.14 8.11
C ARG B 141 6.88 5.98 7.14
N GLN B 142 6.38 6.27 5.95
CA GLN B 142 6.14 5.21 4.99
C GLN B 142 7.41 4.48 4.61
N ILE B 143 8.40 5.20 4.09
CA ILE B 143 9.65 4.60 3.68
C ILE B 143 10.31 3.90 4.87
N GLY B 144 10.09 4.45 6.06
CA GLY B 144 10.50 3.80 7.32
C GLY B 144 10.01 2.36 7.41
N SER B 145 8.71 2.18 7.22
CA SER B 145 8.12 0.84 7.15
C SER B 145 8.81 -0.05 6.16
N ALA B 146 9.08 0.47 4.97
CA ALA B 146 9.59 -0.40 3.94
C ALA B 146 10.98 -0.83 4.37
N LEU B 147 11.77 0.11 4.90
CA LEU B 147 13.10 -0.24 5.35
C LEU B 147 13.03 -1.27 6.47
N ASP B 148 12.10 -1.10 7.41
CA ASP B 148 12.08 -2.02 8.53
C ASP B 148 11.70 -3.41 8.04
N ALA B 149 10.80 -3.46 7.08
CA ALA B 149 10.42 -4.72 6.47
C ALA B 149 11.62 -5.37 5.80
N ALA B 150 12.42 -4.58 5.10
CA ALA B 150 13.57 -5.10 4.39
C ALA B 150 14.60 -5.73 5.35
N HIS B 151 14.90 -5.03 6.44
CA HIS B 151 15.85 -5.51 7.43
C HIS B 151 15.30 -6.76 8.08
N ALA B 152 14.03 -6.72 8.48
CA ALA B 152 13.38 -7.90 9.05
C ALA B 152 13.65 -9.15 8.21
N ALA B 153 13.71 -8.98 6.89
CA ALA B 153 13.91 -10.07 5.96
C ALA B 153 15.40 -10.35 5.76
N GLY B 154 16.24 -9.68 6.55
CA GLY B 154 17.68 -9.85 6.44
C GLY B 154 18.29 -9.23 5.20
N ALA B 155 17.56 -8.32 4.57
CA ALA B 155 18.08 -7.63 3.40
C ALA B 155 18.35 -6.18 3.75
N THR B 156 19.03 -5.95 4.87
CA THR B 156 19.26 -4.58 5.31
C THR B 156 19.68 -3.69 4.14
N HIS B 157 18.85 -2.68 3.92
CA HIS B 157 18.99 -1.75 2.82
C HIS B 157 20.11 -0.74 3.20
N ARG B 158 21.27 -0.89 2.56
CA ARG B 158 22.49 -0.14 2.94
C ARG B 158 22.27 1.37 3.16
N ASP B 159 21.35 1.96 2.40
CA ASP B 159 21.02 3.39 2.52
C ASP B 159 19.84 3.75 1.63
N VAL B 160 19.49 5.04 1.66
CA VAL B 160 18.32 5.56 1.01
C VAL B 160 18.68 6.93 0.54
N LYS B 161 18.21 7.29 -0.64
CA LYS B 161 18.37 8.65 -1.13
C LYS B 161 17.04 9.05 -1.76
N PRO B 162 16.68 10.34 -1.72
CA PRO B 162 15.39 10.81 -2.22
C PRO B 162 15.00 10.40 -3.65
N GLU B 163 15.96 10.16 -4.53
CA GLU B 163 15.60 9.61 -5.83
C GLU B 163 15.17 8.13 -5.79
N ASN B 164 15.26 7.51 -4.61
CA ASN B 164 14.72 6.15 -4.38
C ASN B 164 13.29 6.17 -3.78
N ILE B 165 12.82 7.35 -3.43
CA ILE B 165 11.52 7.55 -2.81
C ILE B 165 10.52 8.12 -3.81
N LEU B 166 9.51 7.32 -4.14
CA LEU B 166 8.60 7.61 -5.23
C LEU B 166 7.21 7.92 -4.67
N VAL B 167 6.76 9.17 -4.85
CA VAL B 167 5.53 9.67 -4.22
C VAL B 167 4.38 9.78 -5.22
N SER B 168 3.37 8.94 -5.07
CA SER B 168 2.25 8.96 -5.99
C SER B 168 1.09 9.78 -5.44
N ALA B 169 -0.11 9.49 -5.94
CA ALA B 169 -1.33 10.14 -5.48
C ALA B 169 -1.49 10.01 -3.96
N ASP B 170 -2.04 11.06 -3.33
CA ASP B 170 -2.35 11.09 -1.90
C ASP B 170 -1.11 10.97 -1.03
N ASP B 171 0.04 11.30 -1.60
CA ASP B 171 1.28 11.18 -0.86
C ASP B 171 1.68 9.75 -0.51
N PHE B 172 1.16 8.76 -1.25
CA PHE B 172 1.59 7.39 -1.03
C PHE B 172 3.01 7.11 -1.56
N ALA B 173 3.90 6.67 -0.67
CA ALA B 173 5.34 6.56 -0.97
C ALA B 173 5.90 5.15 -1.14
N TYR B 174 6.72 4.96 -2.17
CA TYR B 174 7.40 3.70 -2.40
C TYR B 174 8.91 3.86 -2.30
N LEU B 175 9.53 2.90 -1.62
CA LEU B 175 10.97 2.66 -1.76
C LEU B 175 11.24 1.83 -3.01
N VAL B 176 11.95 2.42 -3.95
CA VAL B 176 12.33 1.70 -5.15
C VAL B 176 13.84 1.57 -5.17
N ASP B 177 14.34 0.62 -5.97
CA ASP B 177 15.77 0.36 -6.00
C ASP B 177 16.43 0.99 -7.21
N PHE B 178 15.86 2.08 -7.72
CA PHE B 178 16.44 2.77 -8.86
C PHE B 178 16.15 4.27 -8.85
N GLY B 179 17.01 5.02 -9.56
CA GLY B 179 16.73 6.43 -9.88
C GLY B 179 15.57 6.60 -10.84
N ILE B 180 15.04 7.83 -10.92
CA ILE B 180 13.83 8.15 -11.69
C ILE B 180 14.01 9.40 -12.58
N GLY B 197 24.21 6.10 -6.25
CA GLY B 197 24.12 6.32 -4.78
C GLY B 197 24.87 7.60 -4.46
N THR B 198 24.45 8.32 -3.43
CA THR B 198 25.26 9.48 -2.98
C THR B 198 25.55 9.60 -1.51
N LEU B 199 26.64 10.33 -1.31
CA LEU B 199 27.32 10.54 -0.06
C LEU B 199 26.60 11.49 0.89
N TYR B 200 25.57 12.20 0.42
CA TYR B 200 24.80 13.08 1.29
C TYR B 200 24.14 12.36 2.45
N TYR B 201 23.97 11.04 2.34
CA TYR B 201 23.15 10.29 3.30
C TYR B 201 23.85 9.13 4.01
N MSE B 202 25.10 8.86 3.62
CA MSE B 202 25.87 7.78 4.22
C MSE B 202 26.34 8.06 5.63
O MSE B 202 26.65 9.20 5.97
CB MSE B 202 27.08 7.45 3.35
CG MSE B 202 26.73 6.59 2.16
SE MSE B 202 28.16 6.61 0.84
CE MSE B 202 27.01 6.14 -0.78
N ALA B 203 26.38 7.00 6.45
CA ALA B 203 26.78 7.09 7.85
C ALA B 203 28.30 7.06 7.98
N PRO B 204 28.85 7.73 9.00
CA PRO B 204 30.30 7.76 9.14
C PRO B 204 30.92 6.36 8.95
N GLU B 205 30.43 5.38 9.68
CA GLU B 205 31.00 4.03 9.67
C GLU B 205 31.06 3.41 8.28
N ARG B 206 30.33 4.01 7.36
CA ARG B 206 30.13 3.49 6.02
C ARG B 206 31.29 3.87 5.09
N PHE B 207 32.44 4.19 5.67
CA PHE B 207 33.64 4.48 4.87
C PHE B 207 34.81 3.57 5.25
N SER B 208 34.58 2.66 6.20
CA SER B 208 35.59 1.71 6.65
C SER B 208 35.11 0.28 6.45
N GLU B 209 36.01 -0.70 6.64
CA GLU B 209 35.66 -2.12 6.56
C GLU B 209 34.86 -2.57 7.78
N TYR B 214 23.64 -1.82 8.95
CA TYR B 214 22.94 -2.04 10.21
C TYR B 214 21.94 -0.91 10.41
N ARG B 215 22.44 0.13 11.07
CA ARG B 215 21.70 1.37 11.30
C ARG B 215 22.15 2.38 10.26
N ALA B 216 22.67 1.85 9.16
CA ALA B 216 22.99 2.65 8.01
C ALA B 216 21.72 3.32 7.49
N ASP B 217 20.71 2.52 7.15
CA ASP B 217 19.43 3.03 6.67
C ASP B 217 18.81 4.14 7.56
N ILE B 218 18.68 3.86 8.85
CA ILE B 218 18.17 4.81 9.85
C ILE B 218 18.88 6.16 9.77
N TYR B 219 20.22 6.14 9.72
CA TYR B 219 21.01 7.35 9.47
C TYR B 219 20.56 8.07 8.20
N ALA B 220 20.63 7.35 7.09
CA ALA B 220 20.24 7.92 5.81
C ALA B 220 18.86 8.53 5.90
N LEU B 221 17.92 7.83 6.55
CA LEU B 221 16.53 8.25 6.48
C LEU B 221 16.34 9.49 7.35
N THR B 222 17.19 9.59 8.36
CA THR B 222 17.19 10.73 9.22
C THR B 222 17.70 11.90 8.43
N CYS B 223 18.73 11.67 7.62
CA CYS B 223 19.24 12.71 6.72
C CYS B 223 18.15 13.24 5.82
N VAL B 224 17.33 12.32 5.30
CA VAL B 224 16.32 12.64 4.32
C VAL B 224 15.25 13.51 4.96
N LEU B 225 14.85 13.10 6.16
CA LEU B 225 13.87 13.83 6.95
C LEU B 225 14.33 15.28 7.13
N TYR B 226 15.65 15.43 7.34
CA TYR B 226 16.26 16.75 7.54
C TYR B 226 16.13 17.56 6.26
N GLU B 227 16.45 16.96 5.14
CA GLU B 227 16.26 17.60 3.86
C GLU B 227 14.78 17.93 3.59
N CYS B 228 13.86 17.08 4.03
CA CYS B 228 12.44 17.38 3.82
C CYS B 228 12.02 18.62 4.55
N LEU B 229 12.56 18.81 5.75
CA LEU B 229 12.12 19.89 6.59
C LEU B 229 12.81 21.19 6.20
N THR B 230 14.12 21.13 6.00
CA THR B 230 14.88 22.34 5.77
C THR B 230 14.91 22.72 4.30
N GLY B 231 14.99 21.71 3.44
CA GLY B 231 15.21 21.94 2.02
C GLY B 231 16.65 21.61 1.61
N SER B 232 17.55 21.54 2.59
CA SER B 232 18.94 21.14 2.34
C SER B 232 19.32 19.79 2.97
N PRO B 233 20.33 19.10 2.42
CA PRO B 233 20.86 17.94 3.13
C PRO B 233 21.68 18.43 4.34
N PRO B 234 21.89 17.56 5.34
CA PRO B 234 22.59 17.94 6.58
C PRO B 234 23.95 18.58 6.37
N TYR B 235 24.65 18.16 5.30
CA TYR B 235 25.99 18.63 5.02
C TYR B 235 26.16 18.85 3.53
N GLN B 236 26.58 20.06 3.15
CA GLN B 236 26.68 20.42 1.73
C GLN B 236 28.10 20.73 1.32
N GLY B 237 28.42 20.42 0.07
CA GLY B 237 29.77 20.58 -0.51
C GLY B 237 30.08 19.36 -1.37
N ASP B 238 31.22 19.37 -2.06
CA ASP B 238 31.65 18.21 -2.87
C ASP B 238 31.81 16.94 -2.03
N GLN B 239 31.88 15.80 -2.73
CA GLN B 239 32.09 14.47 -2.14
C GLN B 239 33.11 14.42 -1.01
N LEU B 240 34.29 15.01 -1.24
CA LEU B 240 35.36 14.97 -0.24
C LEU B 240 34.95 15.65 1.06
N SER B 241 34.53 16.91 0.96
CA SER B 241 34.20 17.73 2.13
C SER B 241 33.00 17.15 2.86
N VAL B 242 32.07 16.60 2.10
CA VAL B 242 30.88 16.08 2.73
C VAL B 242 31.18 14.75 3.46
N MSE B 243 32.13 13.98 2.93
CA MSE B 243 32.50 12.73 3.57
C MSE B 243 33.16 12.99 4.92
O MSE B 243 32.90 12.27 5.89
CB MSE B 243 33.42 11.88 2.69
CG MSE B 243 33.84 10.58 3.36
SE MSE B 243 35.28 9.68 2.44
CE MSE B 243 36.22 8.89 3.94
N GLY B 244 33.99 14.04 4.99
CA GLY B 244 34.54 14.47 6.26
C GLY B 244 33.46 14.99 7.21
N ALA B 245 32.45 15.64 6.62
CA ALA B 245 31.41 16.27 7.42
C ALA B 245 30.59 15.22 8.19
N HIS B 246 30.34 14.08 7.57
CA HIS B 246 29.61 12.99 8.25
C HIS B 246 30.43 12.35 9.36
N ILE B 247 31.74 12.44 9.25
CA ILE B 247 32.64 11.89 10.25
C ILE B 247 32.88 12.88 11.40
N ASN B 248 33.23 14.12 11.08
CA ASN B 248 33.53 15.17 12.08
C ASN B 248 32.38 16.14 12.45
N GLN B 249 31.70 16.69 11.43
CA GLN B 249 30.87 17.89 11.63
C GLN B 249 29.74 17.72 12.63
N ALA B 250 29.59 18.70 13.52
CA ALA B 250 28.52 18.72 14.51
C ALA B 250 27.18 18.61 13.81
N ILE B 251 26.37 17.65 14.25
CA ILE B 251 25.06 17.36 13.63
C ILE B 251 24.21 18.62 13.65
N PRO B 252 23.78 19.08 12.47
CA PRO B 252 22.97 20.29 12.29
C PRO B 252 21.69 20.34 13.11
N ARG B 253 21.20 21.56 13.30
CA ARG B 253 20.04 21.82 14.13
C ARG B 253 18.99 22.48 13.25
N PRO B 254 18.04 21.67 12.72
CA PRO B 254 17.05 22.11 11.73
C PRO B 254 16.33 23.42 12.08
N SER B 255 16.05 23.62 13.37
CA SER B 255 15.47 24.86 13.87
C SER B 255 16.27 26.10 13.45
N THR B 256 17.59 26.02 13.63
CA THR B 256 18.50 27.14 13.37
C THR B 256 18.66 27.44 11.89
N VAL B 257 17.78 26.87 11.07
CA VAL B 257 17.91 26.98 9.62
C VAL B 257 16.69 27.65 9.00
N ARG B 258 15.50 27.15 9.33
CA ARG B 258 14.28 27.66 8.70
C ARG B 258 13.20 27.98 9.73
N PRO B 259 12.48 29.10 9.54
CA PRO B 259 11.37 29.43 10.45
C PRO B 259 10.24 28.39 10.41
N GLY B 260 9.39 28.41 11.45
CA GLY B 260 8.24 27.52 11.54
C GLY B 260 8.52 26.04 11.72
N ILE B 261 9.79 25.68 11.91
CA ILE B 261 10.13 24.28 12.20
C ILE B 261 10.34 24.07 13.69
N PRO B 262 9.47 23.26 14.32
CA PRO B 262 9.54 22.89 15.73
C PRO B 262 10.92 22.43 16.21
N VAL B 263 11.22 22.74 17.47
CA VAL B 263 12.56 22.56 18.03
C VAL B 263 12.78 21.13 18.53
N ALA B 264 11.69 20.40 18.72
CA ALA B 264 11.75 19.00 19.15
C ALA B 264 12.42 18.12 18.09
N PHE B 265 12.54 18.66 16.87
CA PHE B 265 13.18 17.96 15.76
C PHE B 265 14.69 17.84 15.91
N ASP B 266 15.32 18.82 16.56
CA ASP B 266 16.77 18.83 16.70
C ASP B 266 17.31 17.58 17.40
N ALA B 267 16.62 17.14 18.46
CA ALA B 267 17.03 15.93 19.18
C ALA B 267 16.87 14.67 18.32
N VAL B 268 15.79 14.65 17.54
CA VAL B 268 15.50 13.53 16.66
C VAL B 268 16.59 13.39 15.63
N ILE B 269 16.96 14.49 14.99
CA ILE B 269 18.05 14.47 14.02
C ILE B 269 19.33 14.02 14.73
N ALA B 270 19.66 14.69 15.82
CA ALA B 270 20.84 14.34 16.63
C ALA B 270 20.92 12.83 16.86
N ARG B 271 19.82 12.22 17.28
CA ARG B 271 19.80 10.80 17.61
C ARG B 271 19.73 9.90 16.37
N GLY B 272 19.15 10.41 15.30
CA GLY B 272 19.08 9.67 14.04
C GLY B 272 20.39 9.70 13.30
N MSE B 273 21.09 10.83 13.38
CA MSE B 273 22.41 10.98 12.76
C MSE B 273 23.55 10.75 13.75
O MSE B 273 24.71 10.95 13.40
CB MSE B 273 22.58 12.37 12.16
CG MSE B 273 21.33 12.95 11.55
SE MSE B 273 21.71 14.10 10.01
CE MSE B 273 23.59 14.73 10.50
N ALA B 274 23.22 10.34 14.96
CA ALA B 274 24.19 10.14 16.03
C ALA B 274 25.47 9.50 15.51
N LYS B 275 26.61 10.12 15.83
CA LYS B 275 27.89 9.70 15.27
C LYS B 275 28.23 8.26 15.63
N ASN B 276 27.81 7.82 16.82
CA ASN B 276 27.98 6.44 17.22
C ASN B 276 26.66 5.68 17.05
N PRO B 277 26.66 4.65 16.18
CA PRO B 277 25.43 3.92 15.83
C PRO B 277 24.66 3.42 17.05
N GLU B 278 25.38 3.01 18.10
CA GLU B 278 24.77 2.55 19.35
C GLU B 278 23.80 3.57 19.96
N ASP B 279 24.02 4.84 19.64
CA ASP B 279 23.14 5.90 20.12
C ASP B 279 21.90 6.11 19.24
N ARG B 280 21.93 5.59 18.02
CA ARG B 280 20.85 5.79 17.06
C ARG B 280 19.60 4.99 17.40
N TYR B 281 18.50 5.38 16.77
CA TYR B 281 17.26 4.64 16.85
C TYR B 281 17.49 3.22 16.37
N VAL B 282 16.86 2.25 17.01
CA VAL B 282 17.01 0.84 16.63
C VAL B 282 16.27 0.53 15.34
N THR B 283 15.12 1.17 15.14
CA THR B 283 14.29 0.92 13.97
C THR B 283 13.84 2.24 13.37
N CYS B 284 13.55 2.24 12.07
CA CYS B 284 13.02 3.45 11.45
C CYS B 284 11.69 3.76 12.08
N GLY B 285 11.06 2.73 12.63
CA GLY B 285 9.77 2.85 13.27
C GLY B 285 9.93 3.81 14.43
N ASP B 286 10.97 3.58 15.23
CA ASP B 286 11.22 4.37 16.41
C ASP B 286 11.49 5.81 16.01
N LEU B 287 12.16 5.97 14.88
CA LEU B 287 12.45 7.27 14.27
C LEU B 287 11.16 7.96 13.87
N SER B 288 10.36 7.27 13.07
CA SER B 288 9.05 7.75 12.65
C SER B 288 8.23 8.32 13.80
N ALA B 289 8.18 7.59 14.92
CA ALA B 289 7.39 7.98 16.08
C ALA B 289 7.91 9.29 16.65
N ALA B 290 9.21 9.34 16.89
CA ALA B 290 9.86 10.55 17.38
C ALA B 290 9.58 11.77 16.49
N ALA B 291 9.50 11.56 15.18
CA ALA B 291 9.18 12.65 14.26
C ALA B 291 7.74 13.12 14.44
N HIS B 292 6.80 12.18 14.50
CA HIS B 292 5.43 12.51 14.77
C HIS B 292 5.29 13.20 16.13
N ALA B 293 6.14 12.79 17.08
CA ALA B 293 6.12 13.36 18.43
C ALA B 293 6.62 14.80 18.42
N ALA B 294 7.42 15.15 17.43
CA ALA B 294 7.95 16.50 17.30
C ALA B 294 6.94 17.46 16.65
N LEU B 295 5.90 16.91 16.04
CA LEU B 295 4.88 17.75 15.41
C LEU B 295 4.01 18.45 16.45
N ALA B 296 4.04 19.78 16.44
CA ALA B 296 3.18 20.58 17.31
C ALA B 296 1.75 20.54 16.79
BR BR C . -8.40 -7.68 16.67
NA NA D . -17.71 4.15 -6.26
NA NA E . 16.26 -1.26 9.90
#